data_6ES1
#
_entry.id   6ES1
#
_cell.length_a   100.714
_cell.length_b   122.108
_cell.length_c   47.657
_cell.angle_alpha   90.00
_cell.angle_beta   90.00
_cell.angle_gamma   90.00
#
_symmetry.space_group_name_H-M   'P 21 21 2'
#
loop_
_entity.id
_entity.type
_entity.pdbx_description
1 polymer 'Botulinum neurotoxin type A'
2 polymer 'Synaptic vesicle glycoprotein 2C'
3 non-polymer 'ACETATE ION'
4 water water
#
loop_
_entity_poly.entity_id
_entity_poly.type
_entity_poly.pdbx_seq_one_letter_code
_entity_poly.pdbx_strand_id
1 'polypeptide(L)'
;MGSSHHHHHHSSGENLYFQGHMVNTSILSIVYKKDDLIDLSRYGAKINIGDRVYYDSIDKNQIKLINLESSTIEVILKNA
IVYNSMYENFSTSFWIKIPKYFSKINLNNEYTIINCIENNSGWKVSLNYGEIIWTLQDNKQNIQRVVFKYSQMVNISDYI
NRWIFVTITNNRLTKSKIYINGRLIDQKPISNLGNIHASNKIMFKLDGCRDPRRYIMIKYFNLFDKELNEKEIKDLYDSQ
SNSGILKDFWGNYLQYDKPYYMLNLFDPNKYVDVNNIGIRGYMYLKGPRGSVVTTNIYLNSTLYEGTKFIIKKYASGNED
NIVRNNDRVYINVVVKNKEYRLATNASQAGVEKILSALEIPDVGNLSQVVVMKSKDDQGIRNKCKMNLQDNNGNDIGFIG
FHLYDNIAKLVASNWYNRQVGKASRTFGCSWEFIPVDDGWGESSL
;
A
2 'polypeptide(L)'
;MHHHHHHSSGVDLGTENLYFQSMERDKYANFTINFTMENQIHTGMEYDNGRFIGVKFKSVTFKDSVFKSCTFEDVTSVNT
YFKNCTFIDTVFDNTDFEPYKFIDSEFKNCSFFHNKT
;
B
#
# COMPACT_ATOMS: atom_id res chain seq x y z
N THR A 25 -7.18 8.62 -31.31
CA THR A 25 -7.79 8.69 -29.92
C THR A 25 -6.95 9.55 -28.93
N SER A 26 -5.64 9.23 -28.82
CA SER A 26 -4.69 9.93 -27.96
C SER A 26 -4.37 11.34 -28.39
N ILE A 27 -4.55 12.33 -27.52
CA ILE A 27 -4.07 13.65 -27.87
C ILE A 27 -2.97 14.21 -26.97
N LEU A 28 -2.61 13.43 -25.96
CA LEU A 28 -1.46 13.69 -25.08
C LEU A 28 -1.16 12.38 -24.35
N SER A 29 0.10 11.97 -24.44
CA SER A 29 0.55 10.69 -23.86
C SER A 29 1.97 10.89 -23.37
N ILE A 30 2.04 11.19 -22.08
CA ILE A 30 3.28 11.52 -21.44
C ILE A 30 4.00 10.25 -20.90
N VAL A 31 5.25 10.07 -21.36
CA VAL A 31 6.13 9.01 -20.86
C VAL A 31 7.51 9.57 -20.60
N TYR A 32 8.25 8.80 -19.82
CA TYR A 32 9.65 9.08 -19.49
C TYR A 32 10.52 8.73 -20.65
N LYS A 33 11.47 9.60 -20.94
CA LYS A 33 12.47 9.25 -21.91
C LYS A 33 13.89 9.37 -21.43
N LYS A 34 14.45 10.58 -21.30
CA LYS A 34 15.91 10.63 -21.01
C LYS A 34 16.20 11.62 -19.91
N ASP A 35 15.91 11.21 -18.68
CA ASP A 35 15.87 12.14 -17.55
C ASP A 35 14.97 13.33 -17.96
N ASP A 36 13.81 13.02 -18.53
CA ASP A 36 12.95 14.02 -19.13
C ASP A 36 11.60 13.39 -19.36
N LEU A 37 10.60 14.19 -19.68
CA LEU A 37 9.26 13.70 -20.09
C LEU A 37 8.95 14.16 -21.47
N ILE A 38 8.35 13.28 -22.27
CA ILE A 38 7.91 13.60 -23.64
C ILE A 38 6.47 13.18 -23.94
N ASP A 39 5.90 13.76 -25.01
CA ASP A 39 4.54 13.42 -25.45
C ASP A 39 4.63 12.54 -26.67
N LEU A 40 4.02 11.37 -26.62
CA LEU A 40 4.03 10.48 -27.78
C LEU A 40 2.99 10.84 -28.81
N SER A 41 2.06 11.72 -28.47
CA SER A 41 1.00 12.05 -29.39
C SER A 41 1.53 12.77 -30.61
N ARG A 42 0.70 12.74 -31.64
CA ARG A 42 0.94 13.53 -32.83
C ARG A 42 1.13 15.03 -32.57
N TYR A 43 0.61 15.56 -31.47
CA TYR A 43 0.64 17.01 -31.23
C TYR A 43 1.88 17.55 -30.53
N GLY A 44 2.80 16.65 -30.15
CA GLY A 44 4.15 17.01 -29.67
C GLY A 44 4.16 18.05 -28.58
N ALA A 45 3.32 17.90 -27.56
CA ALA A 45 3.20 18.89 -26.49
C ALA A 45 4.60 19.25 -25.92
N LYS A 46 4.83 20.54 -25.71
CA LYS A 46 6.04 21.06 -25.03
C LYS A 46 5.91 20.79 -23.50
N ILE A 47 6.91 20.21 -22.85
CA ILE A 47 6.82 19.90 -21.42
C ILE A 47 7.99 20.54 -20.68
N ASN A 48 7.70 21.48 -19.78
CA ASN A 48 8.73 22.15 -18.98
C ASN A 48 8.65 21.63 -17.56
N ILE A 49 9.77 21.09 -17.08
CA ILE A 49 9.82 20.41 -15.81
C ILE A 49 10.68 21.19 -14.85
N GLY A 50 10.17 21.38 -13.65
CA GLY A 50 10.90 22.15 -12.64
C GLY A 50 12.05 21.41 -11.97
N ASP A 51 12.73 22.14 -11.10
CA ASP A 51 13.90 21.67 -10.36
C ASP A 51 13.74 20.34 -9.63
N ARG A 52 12.60 20.18 -8.95
CA ARG A 52 12.47 19.16 -7.93
C ARG A 52 11.31 18.24 -8.22
N VAL A 53 11.37 17.71 -9.42
CA VAL A 53 10.58 16.60 -9.91
C VAL A 53 11.54 15.38 -10.00
N TYR A 54 11.08 14.22 -9.55
CA TYR A 54 11.95 13.03 -9.38
C TYR A 54 11.35 11.85 -10.08
N TYR A 55 12.21 11.01 -10.65
CA TYR A 55 11.81 9.75 -11.30
C TYR A 55 12.30 8.56 -10.43
N ASP A 56 11.51 7.50 -10.33
CA ASP A 56 11.82 6.35 -9.48
C ASP A 56 12.96 5.59 -10.09
N SER A 57 13.86 5.00 -9.29
CA SER A 57 15.04 4.34 -9.86
C SER A 57 14.71 3.05 -10.67
N ILE A 58 13.67 2.34 -10.25
CA ILE A 58 13.24 1.08 -10.85
C ILE A 58 12.28 1.29 -12.01
N ASP A 59 11.25 2.12 -11.82
CA ASP A 59 10.31 2.44 -12.87
C ASP A 59 10.28 3.97 -13.10
N LYS A 60 11.07 4.42 -14.06
N LYS A 60 11.06 4.39 -14.08
CA LYS A 60 11.29 5.85 -14.34
CA LYS A 60 11.31 5.79 -14.41
C LYS A 60 10.06 6.58 -14.83
C LYS A 60 10.07 6.56 -14.83
N ASN A 61 9.04 5.85 -15.29
CA ASN A 61 7.75 6.45 -15.60
C ASN A 61 6.96 6.83 -14.33
N GLN A 62 7.37 6.32 -13.18
CA GLN A 62 6.74 6.75 -11.89
C GLN A 62 7.37 8.08 -11.49
N ILE A 63 6.62 9.17 -11.65
CA ILE A 63 7.07 10.55 -11.40
C ILE A 63 6.64 11.00 -10.00
N LYS A 64 7.55 11.52 -9.17
CA LYS A 64 7.21 12.03 -7.84
C LYS A 64 7.21 13.57 -7.81
N LEU A 65 6.09 14.10 -7.36
CA LEU A 65 5.90 15.53 -7.17
C LEU A 65 5.82 15.79 -5.68
N ILE A 66 6.63 16.74 -5.20
CA ILE A 66 6.61 17.12 -3.78
C ILE A 66 5.93 18.50 -3.56
N ASN A 67 5.80 18.88 -2.30
CA ASN A 67 5.08 20.08 -1.92
C ASN A 67 6.02 21.31 -1.87
N LEU A 68 6.53 21.66 -3.05
CA LEU A 68 7.44 22.77 -3.23
C LEU A 68 7.12 23.37 -4.57
N GLU A 69 7.27 24.69 -4.69
N GLU A 69 7.27 24.68 -4.71
CA GLU A 69 6.91 25.40 -5.92
CA GLU A 69 6.90 25.38 -5.94
C GLU A 69 7.80 25.00 -7.11
C GLU A 69 7.80 24.99 -7.11
N SER A 70 8.98 24.46 -6.83
CA SER A 70 9.89 23.97 -7.88
C SER A 70 9.56 22.56 -8.40
N SER A 71 8.63 21.84 -7.74
CA SER A 71 8.19 20.52 -8.15
C SER A 71 6.91 20.60 -9.03
N THR A 72 7.16 20.88 -10.31
CA THR A 72 6.15 21.16 -11.31
C THR A 72 6.43 20.49 -12.66
N ILE A 73 5.36 20.17 -13.37
CA ILE A 73 5.41 19.82 -14.77
C ILE A 73 4.36 20.61 -15.50
N GLU A 74 4.81 21.34 -16.53
CA GLU A 74 3.97 22.24 -17.31
C GLU A 74 3.89 21.69 -18.71
N VAL A 75 2.69 21.32 -19.11
CA VAL A 75 2.46 20.78 -20.43
C VAL A 75 1.76 21.87 -21.24
N ILE A 76 2.34 22.20 -22.39
CA ILE A 76 1.79 23.23 -23.28
C ILE A 76 1.18 22.53 -24.48
N LEU A 77 -0.14 22.59 -24.57
CA LEU A 77 -0.87 21.96 -25.64
C LEU A 77 -0.87 22.86 -26.88
N LYS A 78 -0.76 22.29 -28.07
CA LYS A 78 -1.02 23.08 -29.28
C LYS A 78 -2.45 23.64 -29.29
N ASN A 79 -2.63 24.81 -29.91
CA ASN A 79 -3.95 25.45 -29.96
C ASN A 79 -5.00 24.51 -30.53
N ALA A 80 -4.66 23.75 -31.56
CA ALA A 80 -5.58 22.80 -32.18
C ALA A 80 -6.31 21.91 -31.17
N ILE A 81 -5.70 21.58 -30.04
CA ILE A 81 -6.29 20.63 -29.10
C ILE A 81 -6.71 21.21 -27.76
N VAL A 82 -6.60 22.51 -27.56
CA VAL A 82 -7.15 23.16 -26.38
C VAL A 82 -8.67 22.88 -26.34
N TYR A 83 -9.18 22.43 -25.20
CA TYR A 83 -10.60 22.20 -25.05
C TYR A 83 -11.33 23.52 -24.97
N ASN A 84 -12.19 23.78 -25.93
CA ASN A 84 -13.04 24.92 -25.90
C ASN A 84 -14.37 24.55 -26.59
N SER A 85 -15.36 24.13 -25.79
CA SER A 85 -16.54 23.55 -26.38
C SER A 85 -17.71 23.41 -25.39
N MET A 86 -18.93 23.44 -25.92
CA MET A 86 -20.14 23.00 -25.20
C MET A 86 -20.35 21.51 -25.36
N TYR A 87 -19.70 20.91 -26.37
CA TYR A 87 -20.11 19.60 -26.85
C TYR A 87 -19.05 18.48 -26.95
N GLU A 88 -17.75 18.75 -27.23
CA GLU A 88 -16.78 17.68 -27.53
C GLU A 88 -16.67 16.81 -26.27
N ASN A 89 -16.73 15.51 -26.44
CA ASN A 89 -16.41 14.57 -25.38
C ASN A 89 -14.91 14.39 -25.23
N PHE A 90 -14.52 14.04 -24.00
CA PHE A 90 -13.11 13.87 -23.68
C PHE A 90 -12.94 13.07 -22.40
N SER A 91 -11.83 12.35 -22.34
CA SER A 91 -11.43 11.53 -21.19
C SER A 91 -9.95 11.75 -20.83
N THR A 92 -9.60 11.39 -19.61
CA THR A 92 -8.21 11.35 -19.15
C THR A 92 -8.02 10.05 -18.37
N SER A 93 -6.80 9.54 -18.39
CA SER A 93 -6.43 8.41 -17.55
C SER A 93 -5.03 8.63 -17.03
N PHE A 94 -4.74 7.99 -15.90
CA PHE A 94 -3.45 8.06 -15.25
C PHE A 94 -3.42 7.17 -14.07
N TRP A 95 -2.20 6.80 -13.65
CA TRP A 95 -2.01 6.04 -12.42
C TRP A 95 -1.51 6.97 -11.35
N ILE A 96 -1.90 6.70 -10.12
CA ILE A 96 -1.50 7.51 -9.03
C ILE A 96 -1.24 6.68 -7.74
N LYS A 97 -0.27 7.14 -6.96
CA LYS A 97 0.05 6.55 -5.63
C LYS A 97 0.06 7.68 -4.61
N ILE A 98 -0.84 7.59 -3.63
CA ILE A 98 -1.11 8.66 -2.69
C ILE A 98 -0.75 8.17 -1.31
N PRO A 99 0.25 8.79 -0.68
CA PRO A 99 0.63 8.34 0.66
C PRO A 99 -0.54 8.42 1.63
N LYS A 100 -0.47 7.61 2.66
CA LYS A 100 -1.43 7.68 3.73
C LYS A 100 -1.46 9.07 4.33
N TYR A 101 -2.66 9.55 4.65
CA TYR A 101 -2.81 10.79 5.40
C TYR A 101 -2.70 10.47 6.90
N PHE A 102 -1.77 11.16 7.57
CA PHE A 102 -1.39 10.80 8.98
C PHE A 102 -2.01 11.63 10.09
N SER A 103 -2.35 12.87 9.81
CA SER A 103 -2.78 13.77 10.89
C SER A 103 -3.81 14.83 10.43
N LYS A 104 -4.30 15.57 11.41
CA LYS A 104 -5.39 16.49 11.19
C LYS A 104 -5.08 17.62 10.21
N ILE A 105 -3.82 18.00 10.03
CA ILE A 105 -3.48 18.92 8.93
C ILE A 105 -3.97 18.44 7.54
N ASN A 106 -4.19 17.12 7.39
CA ASN A 106 -4.65 16.57 6.13
C ASN A 106 -6.17 16.54 5.96
N LEU A 107 -6.94 16.66 7.07
CA LEU A 107 -8.41 16.68 7.00
C LEU A 107 -8.87 17.99 6.34
N ASN A 108 -9.94 17.89 5.56
CA ASN A 108 -10.65 19.07 5.09
C ASN A 108 -9.71 20.04 4.37
N ASN A 109 -8.90 19.49 3.46
CA ASN A 109 -7.96 20.30 2.72
C ASN A 109 -7.84 19.79 1.29
N GLU A 110 -8.65 20.36 0.40
CA GLU A 110 -8.62 19.98 -0.99
C GLU A 110 -7.44 20.71 -1.62
N TYR A 111 -6.63 19.99 -2.39
CA TYR A 111 -5.49 20.58 -3.10
C TYR A 111 -5.44 20.06 -4.54
N THR A 112 -5.24 20.98 -5.44
CA THR A 112 -5.17 20.66 -6.82
C THR A 112 -3.90 19.99 -7.11
N ILE A 113 -3.98 18.99 -7.99
CA ILE A 113 -2.78 18.34 -8.45
C ILE A 113 -2.50 18.40 -9.95
N ILE A 114 -3.54 18.44 -10.77
CA ILE A 114 -3.38 18.54 -12.21
C ILE A 114 -4.39 19.59 -12.64
N ASN A 115 -3.89 20.72 -13.14
CA ASN A 115 -4.70 21.91 -13.32
C ASN A 115 -4.76 22.34 -14.80
N CYS A 116 -5.95 22.34 -15.40
CA CYS A 116 -6.18 22.93 -16.72
C CYS A 116 -7.32 23.98 -16.65
N ILE A 117 -7.27 24.86 -15.65
CA ILE A 117 -8.25 25.91 -15.49
C ILE A 117 -7.57 27.20 -15.77
N GLU A 118 -8.12 27.97 -16.72
CA GLU A 118 -7.73 29.35 -17.01
C GLU A 118 -8.94 30.27 -17.02
N ASN A 119 -8.77 31.43 -16.37
CA ASN A 119 -9.81 32.43 -16.28
C ASN A 119 -11.12 31.79 -15.80
N ASN A 120 -11.00 30.95 -14.77
CA ASN A 120 -12.12 30.28 -14.10
C ASN A 120 -13.03 29.41 -14.97
N SER A 121 -12.43 28.77 -15.97
CA SER A 121 -13.06 27.70 -16.72
C SER A 121 -11.97 26.64 -17.03
N GLY A 122 -12.43 25.41 -17.20
CA GLY A 122 -11.56 24.29 -17.62
C GLY A 122 -11.82 23.07 -16.79
N TRP A 123 -10.78 22.26 -16.62
CA TRP A 123 -10.88 21.05 -15.74
C TRP A 123 -9.68 20.93 -14.80
N LYS A 124 -9.86 20.10 -13.77
CA LYS A 124 -8.77 19.79 -12.87
C LYS A 124 -9.03 18.56 -12.09
N VAL A 125 -7.91 17.98 -11.64
CA VAL A 125 -7.92 16.87 -10.71
C VAL A 125 -7.39 17.43 -9.42
N SER A 126 -8.06 17.10 -8.35
CA SER A 126 -7.59 17.49 -7.05
C SER A 126 -7.72 16.31 -6.06
N LEU A 127 -7.02 16.42 -4.93
CA LEU A 127 -7.12 15.41 -3.86
C LEU A 127 -7.60 16.03 -2.59
N ASN A 128 -7.98 15.17 -1.65
CA ASN A 128 -8.32 15.56 -0.30
C ASN A 128 -8.23 14.26 0.51
N TYR A 129 -8.30 14.38 1.82
CA TYR A 129 -8.33 13.24 2.72
C TYR A 129 -9.28 12.15 2.20
N GLY A 130 -8.71 11.01 1.86
CA GLY A 130 -9.48 9.87 1.33
C GLY A 130 -10.22 10.16 0.04
N GLU A 131 -9.78 11.12 -0.77
CA GLU A 131 -10.52 11.46 -2.00
C GLU A 131 -9.70 11.77 -3.20
N ILE A 132 -10.25 11.40 -4.36
CA ILE A 132 -9.80 11.86 -5.68
C ILE A 132 -10.97 12.49 -6.35
N ILE A 133 -10.73 13.71 -6.86
CA ILE A 133 -11.79 14.60 -7.28
C ILE A 133 -11.55 15.10 -8.67
N TRP A 134 -12.60 15.08 -9.46
CA TRP A 134 -12.56 15.68 -10.78
C TRP A 134 -13.54 16.84 -10.84
N THR A 135 -13.08 18.00 -11.34
CA THR A 135 -13.89 19.22 -11.41
C THR A 135 -13.91 19.76 -12.83
N LEU A 136 -15.12 20.02 -13.32
CA LEU A 136 -15.36 20.77 -14.55
C LEU A 136 -15.96 22.10 -14.18
N GLN A 137 -15.47 23.15 -14.83
CA GLN A 137 -16.01 24.52 -14.67
C GLN A 137 -16.26 25.19 -16.02
N ASP A 138 -17.49 25.66 -16.26
CA ASP A 138 -17.84 26.36 -17.54
C ASP A 138 -17.54 27.84 -17.43
N ASN A 139 -17.82 28.59 -18.49
CA ASN A 139 -17.41 29.96 -18.56
C ASN A 139 -18.37 30.93 -17.84
N LYS A 140 -19.43 30.39 -17.22
CA LYS A 140 -20.27 31.11 -16.24
C LYS A 140 -19.91 30.73 -14.81
N GLN A 141 -18.87 29.88 -14.67
CA GLN A 141 -18.30 29.44 -13.43
C GLN A 141 -19.24 28.45 -12.68
N ASN A 142 -20.19 27.88 -13.44
CA ASN A 142 -20.89 26.66 -13.04
C ASN A 142 -19.89 25.51 -12.96
N ILE A 143 -20.11 24.67 -11.97
CA ILE A 143 -19.23 23.57 -11.64
C ILE A 143 -19.98 22.26 -11.47
N GLN A 144 -19.42 21.18 -11.99
CA GLN A 144 -19.82 19.81 -11.62
C GLN A 144 -18.58 19.00 -11.21
N ARG A 145 -18.74 18.17 -10.20
CA ARG A 145 -17.65 17.32 -9.67
C ARG A 145 -18.04 15.88 -9.53
N VAL A 146 -17.09 14.97 -9.75
CA VAL A 146 -17.22 13.56 -9.43
C VAL A 146 -16.08 13.18 -8.52
N VAL A 147 -16.35 12.24 -7.62
CA VAL A 147 -15.42 11.93 -6.54
C VAL A 147 -15.29 10.45 -6.30
N PHE A 148 -14.07 10.00 -6.08
CA PHE A 148 -13.76 8.68 -5.55
C PHE A 148 -13.41 8.83 -4.10
N LYS A 149 -14.04 8.06 -3.20
CA LYS A 149 -13.74 8.12 -1.77
C LYS A 149 -13.25 6.82 -1.29
N TYR A 150 -12.21 6.85 -0.45
CA TYR A 150 -11.72 5.62 0.14
C TYR A 150 -11.47 5.80 1.61
N SER A 151 -11.70 4.73 2.36
CA SER A 151 -11.59 4.80 3.79
C SER A 151 -10.14 4.56 4.21
N GLN A 152 -9.69 5.29 5.23
CA GLN A 152 -8.45 4.94 5.94
C GLN A 152 -8.75 4.14 7.19
N MET A 153 -9.99 3.80 7.46
CA MET A 153 -10.33 3.02 8.63
C MET A 153 -10.59 1.57 8.21
N VAL A 154 -9.57 0.90 7.68
CA VAL A 154 -9.69 -0.45 7.15
C VAL A 154 -8.42 -1.18 7.50
N ASN A 155 -8.52 -2.48 7.87
CA ASN A 155 -7.34 -3.30 8.23
C ASN A 155 -6.29 -3.35 7.12
N ILE A 156 -6.72 -3.61 5.89
CA ILE A 156 -5.84 -3.63 4.72
C ILE A 156 -6.55 -2.91 3.60
N SER A 157 -6.00 -1.80 3.13
CA SER A 157 -6.67 -0.99 2.16
C SER A 157 -6.17 -1.37 0.79
N ASP A 158 -7.08 -1.37 -0.19
CA ASP A 158 -6.71 -1.58 -1.57
C ASP A 158 -6.16 -0.31 -2.19
N TYR A 159 -6.24 0.83 -1.48
CA TYR A 159 -5.96 2.14 -2.08
C TYR A 159 -4.88 2.96 -1.43
N ILE A 160 -4.79 2.91 -0.11
CA ILE A 160 -3.80 3.76 0.57
C ILE A 160 -2.35 3.44 0.16
N ASN A 161 -1.69 4.41 -0.48
CA ASN A 161 -0.32 4.28 -0.88
C ASN A 161 -0.07 3.16 -1.88
N ARG A 162 -1.10 2.75 -2.60
CA ARG A 162 -0.93 1.74 -3.63
C ARG A 162 -1.22 2.37 -4.98
N TRP A 163 -0.59 1.88 -6.03
CA TRP A 163 -0.90 2.36 -7.35
C TRP A 163 -2.41 2.11 -7.68
N ILE A 164 -3.10 3.15 -8.13
CA ILE A 164 -4.53 3.09 -8.50
C ILE A 164 -4.62 3.61 -9.92
N PHE A 165 -5.38 2.95 -10.80
CA PHE A 165 -5.58 3.45 -12.16
C PHE A 165 -6.85 4.28 -12.21
N VAL A 166 -6.72 5.54 -12.61
CA VAL A 166 -7.82 6.46 -12.64
C VAL A 166 -8.26 6.68 -14.10
N THR A 167 -9.57 6.69 -14.34
CA THR A 167 -10.05 7.09 -15.64
C THR A 167 -11.31 7.93 -15.45
N ILE A 168 -11.32 9.09 -16.08
CA ILE A 168 -12.45 9.99 -16.03
C ILE A 168 -12.86 10.24 -17.45
N THR A 169 -14.14 10.00 -17.74
CA THR A 169 -14.73 10.29 -19.04
C THR A 169 -15.80 11.36 -18.93
N ASN A 170 -15.99 12.11 -20.03
CA ASN A 170 -16.93 13.20 -20.06
C ASN A 170 -17.69 13.19 -21.41
N ASN A 171 -19.01 13.04 -21.28
CA ASN A 171 -19.93 13.15 -22.36
C ASN A 171 -20.83 14.37 -22.12
N ARG A 172 -20.66 15.37 -22.97
CA ARG A 172 -21.25 16.66 -22.73
C ARG A 172 -22.75 16.63 -22.67
N LEU A 173 -23.37 15.64 -23.32
CA LEU A 173 -24.80 15.44 -23.25
C LEU A 173 -25.23 14.54 -22.13
N THR A 174 -24.33 13.78 -21.52
CA THR A 174 -24.77 12.87 -20.44
C THR A 174 -24.07 13.18 -19.12
N LYS A 175 -23.02 12.43 -18.80
CA LYS A 175 -22.43 12.43 -17.46
C LYS A 175 -20.90 12.45 -17.51
N SER A 176 -20.32 13.03 -16.46
CA SER A 176 -18.92 12.78 -16.12
C SER A 176 -18.90 11.50 -15.31
N LYS A 177 -17.90 10.67 -15.57
CA LYS A 177 -17.78 9.39 -14.87
C LYS A 177 -16.34 9.16 -14.43
N ILE A 178 -16.19 8.65 -13.19
CA ILE A 178 -14.89 8.30 -12.66
C ILE A 178 -14.83 6.79 -12.42
N TYR A 179 -13.81 6.18 -13.02
CA TYR A 179 -13.47 4.78 -12.84
C TYR A 179 -12.16 4.63 -12.06
N ILE A 180 -12.12 3.62 -11.20
CA ILE A 180 -10.94 3.25 -10.42
C ILE A 180 -10.65 1.78 -10.71
N ASN A 181 -9.44 1.50 -11.21
CA ASN A 181 -9.02 0.13 -11.57
C ASN A 181 -10.04 -0.55 -12.51
N GLY A 182 -10.50 0.26 -13.49
CA GLY A 182 -11.42 -0.16 -14.52
C GLY A 182 -12.87 -0.25 -14.07
N ARG A 183 -13.20 0.18 -12.87
CA ARG A 183 -14.51 -0.07 -12.33
C ARG A 183 -15.19 1.29 -12.18
N LEU A 184 -16.46 1.37 -12.56
CA LEU A 184 -17.20 2.63 -12.45
C LEU A 184 -17.48 2.91 -11.00
N ILE A 185 -17.17 4.12 -10.55
CA ILE A 185 -17.22 4.50 -9.13
C ILE A 185 -18.27 5.58 -8.84
N ASP A 186 -18.31 6.60 -9.68
CA ASP A 186 -19.20 7.75 -9.44
C ASP A 186 -19.50 8.39 -10.79
N GLN A 187 -20.70 8.93 -10.93
CA GLN A 187 -21.08 9.59 -12.17
C GLN A 187 -22.05 10.71 -11.86
N LYS A 188 -21.99 11.79 -12.62
CA LYS A 188 -22.88 12.91 -12.43
C LYS A 188 -23.27 13.52 -13.77
N PRO A 189 -24.52 13.96 -13.88
CA PRO A 189 -24.92 14.68 -15.09
C PRO A 189 -24.22 16.03 -15.17
N ILE A 190 -23.85 16.37 -16.38
CA ILE A 190 -23.19 17.64 -16.65
C ILE A 190 -23.88 18.45 -17.73
N SER A 191 -25.15 18.15 -18.03
CA SER A 191 -25.87 18.98 -19.00
C SER A 191 -26.18 20.40 -18.46
N ASN A 192 -26.00 20.66 -17.17
CA ASN A 192 -25.96 22.04 -16.67
C ASN A 192 -24.81 22.90 -17.19
N LEU A 193 -23.73 22.35 -17.75
CA LEU A 193 -22.54 23.14 -18.05
C LEU A 193 -22.58 23.62 -19.46
N GLY A 194 -22.21 24.89 -19.66
CA GLY A 194 -22.20 25.47 -20.97
C GLY A 194 -20.86 25.28 -21.59
N ASN A 195 -20.36 26.33 -22.25
CA ASN A 195 -19.05 26.27 -22.88
C ASN A 195 -17.96 26.14 -21.80
N ILE A 196 -17.09 25.14 -21.96
CA ILE A 196 -15.91 24.99 -21.13
C ILE A 196 -14.70 25.31 -22.00
N HIS A 197 -13.89 26.25 -21.52
CA HIS A 197 -12.73 26.77 -22.22
C HIS A 197 -11.57 26.60 -21.26
N ALA A 198 -10.89 25.47 -21.41
CA ALA A 198 -9.80 25.11 -20.56
C ALA A 198 -8.51 25.81 -20.99
N SER A 199 -7.49 25.58 -20.19
CA SER A 199 -6.20 26.18 -20.44
C SER A 199 -5.49 25.49 -21.55
N ASN A 200 -4.53 26.21 -22.09
CA ASN A 200 -3.63 25.68 -23.08
C ASN A 200 -2.41 25.13 -22.40
N LYS A 201 -2.37 25.21 -21.08
CA LYS A 201 -1.38 24.56 -20.28
C LYS A 201 -2.01 23.71 -19.20
N ILE A 202 -1.37 22.56 -18.97
CA ILE A 202 -1.65 21.72 -17.82
C ILE A 202 -0.47 21.79 -16.86
N MET A 203 -0.76 22.15 -15.62
CA MET A 203 0.20 22.22 -14.57
C MET A 203 0.02 21.08 -13.54
N PHE A 204 1.05 20.22 -13.47
CA PHE A 204 1.10 19.12 -12.49
C PHE A 204 1.92 19.69 -11.34
N LYS A 205 1.26 19.84 -10.21
CA LYS A 205 1.80 20.56 -9.09
C LYS A 205 0.80 20.42 -7.95
N LEU A 206 1.33 20.15 -6.76
CA LEU A 206 0.55 20.26 -5.53
C LEU A 206 0.25 21.73 -5.27
N ASP A 207 -1.02 22.07 -5.26
CA ASP A 207 -1.38 23.48 -5.22
C ASP A 207 -2.40 23.67 -4.12
N GLY A 208 -2.02 24.41 -3.09
CA GLY A 208 -2.86 24.67 -1.93
C GLY A 208 -2.84 23.57 -0.88
N CYS A 209 -1.82 22.69 -0.90
CA CYS A 209 -1.73 21.64 0.11
C CYS A 209 -0.98 22.15 1.35
N ARG A 210 -1.62 22.19 2.51
CA ARG A 210 -1.00 22.72 3.73
C ARG A 210 -0.03 21.77 4.42
N ASP A 211 0.01 20.50 4.05
CA ASP A 211 0.98 19.51 4.61
C ASP A 211 2.34 19.61 3.84
N PRO A 212 3.38 20.18 4.47
CA PRO A 212 4.65 20.36 3.77
C PRO A 212 5.34 19.06 3.33
N ARG A 213 5.00 17.94 3.99
CA ARG A 213 5.54 16.64 3.68
C ARG A 213 4.77 15.82 2.61
N ARG A 214 3.70 16.38 2.07
CA ARG A 214 2.88 15.65 1.13
C ARG A 214 3.61 15.50 -0.20
N TYR A 215 3.39 14.36 -0.84
CA TYR A 215 3.79 14.16 -2.19
C TYR A 215 2.82 13.25 -2.87
N ILE A 216 2.99 13.14 -4.19
CA ILE A 216 2.28 12.14 -4.97
C ILE A 216 3.23 11.50 -5.98
N MET A 217 2.84 10.33 -6.46
CA MET A 217 3.48 9.71 -7.59
C MET A 217 2.46 9.50 -8.65
N ILE A 218 2.83 9.77 -9.89
CA ILE A 218 1.94 9.60 -11.02
C ILE A 218 2.66 8.90 -12.15
N LYS A 219 1.89 8.26 -13.00
CA LYS A 219 2.43 7.53 -14.13
C LYS A 219 1.40 7.46 -15.24
N TYR A 220 1.87 7.60 -16.46
CA TYR A 220 1.12 7.40 -17.67
C TYR A 220 -0.10 8.31 -17.84
N PHE A 221 0.13 9.61 -17.70
CA PHE A 221 -0.92 10.60 -17.99
C PHE A 221 -1.31 10.59 -19.45
N ASN A 222 -2.62 10.47 -19.67
CA ASN A 222 -3.19 10.53 -21.02
C ASN A 222 -4.47 11.34 -21.11
N LEU A 223 -4.66 11.91 -22.28
CA LEU A 223 -5.83 12.67 -22.64
C LEU A 223 -6.33 12.02 -23.94
N PHE A 224 -7.64 11.82 -23.99
CA PHE A 224 -8.32 11.27 -25.16
C PHE A 224 -9.45 12.17 -25.62
N ASP A 225 -9.62 12.23 -26.93
CA ASP A 225 -10.65 13.09 -27.49
C ASP A 225 -12.00 12.40 -27.68
N LYS A 226 -12.39 11.61 -26.70
CA LYS A 226 -13.72 11.05 -26.68
C LYS A 226 -14.07 10.52 -25.29
N GLU A 227 -15.34 10.15 -25.12
CA GLU A 227 -15.77 9.39 -23.96
C GLU A 227 -15.34 7.97 -24.19
N LEU A 228 -14.31 7.50 -23.48
CA LEU A 228 -13.96 6.07 -23.53
C LEU A 228 -15.11 5.23 -22.99
N ASN A 229 -15.32 4.06 -23.65
CA ASN A 229 -16.26 3.08 -23.17
C ASN A 229 -15.59 2.12 -22.22
N GLU A 230 -16.42 1.31 -21.57
CA GLU A 230 -15.98 0.37 -20.52
C GLU A 230 -14.86 -0.58 -20.95
N LYS A 231 -15.00 -1.08 -22.16
CA LYS A 231 -14.08 -2.05 -22.68
C LYS A 231 -12.75 -1.35 -22.96
N GLU A 232 -12.81 -0.14 -23.51
CA GLU A 232 -11.59 0.62 -23.77
C GLU A 232 -10.84 0.88 -22.46
N ILE A 233 -11.58 1.17 -21.40
CA ILE A 233 -10.99 1.46 -20.11
C ILE A 233 -10.35 0.23 -19.47
N LYS A 234 -11.05 -0.91 -19.51
CA LYS A 234 -10.50 -2.19 -19.06
C LYS A 234 -9.21 -2.58 -19.83
N ASP A 235 -9.23 -2.45 -21.16
CA ASP A 235 -8.03 -2.74 -21.97
C ASP A 235 -6.86 -1.82 -21.63
N LEU A 236 -7.15 -0.55 -21.31
CA LEU A 236 -6.11 0.36 -20.90
C LEU A 236 -5.52 -0.13 -19.60
N TYR A 237 -6.38 -0.40 -18.64
CA TYR A 237 -5.97 -0.92 -17.33
C TYR A 237 -5.09 -2.17 -17.47
N ASP A 238 -5.60 -3.18 -18.17
CA ASP A 238 -4.91 -4.48 -18.28
C ASP A 238 -3.54 -4.29 -18.96
N SER A 239 -3.58 -3.62 -20.08
CA SER A 239 -2.41 -3.24 -20.84
C SER A 239 -1.32 -2.61 -19.98
N GLN A 240 -1.63 -1.50 -19.32
CA GLN A 240 -0.63 -0.71 -18.61
C GLN A 240 -0.21 -1.32 -17.27
N SER A 241 -0.94 -2.33 -16.79
CA SER A 241 -0.61 -3.12 -15.60
C SER A 241 0.64 -3.99 -15.72
N ASN A 242 1.15 -4.29 -16.93
CA ASN A 242 2.32 -5.21 -17.13
C ASN A 242 2.12 -6.59 -16.47
N SER A 243 1.15 -7.36 -16.90
CA SER A 243 0.73 -8.54 -16.07
C SER A 243 1.73 -9.72 -16.05
N GLY A 244 2.73 -9.67 -16.93
CA GLY A 244 3.83 -10.62 -16.86
C GLY A 244 4.89 -10.29 -15.82
N ILE A 245 4.81 -9.14 -15.17
CA ILE A 245 5.74 -8.79 -14.10
C ILE A 245 5.01 -8.88 -12.72
N LEU A 246 5.59 -9.59 -11.75
CA LEU A 246 4.94 -9.63 -10.45
C LEU A 246 5.05 -8.25 -9.82
N LYS A 247 4.11 -7.94 -8.96
CA LYS A 247 4.10 -6.72 -8.23
C LYS A 247 4.22 -6.94 -6.74
N ASP A 248 4.81 -5.96 -6.06
CA ASP A 248 4.69 -5.89 -4.61
C ASP A 248 3.36 -5.33 -4.16
N PHE A 249 3.14 -5.31 -2.88
CA PHE A 249 1.87 -4.83 -2.32
C PHE A 249 1.48 -3.41 -2.77
N TRP A 250 2.45 -2.52 -2.86
CA TRP A 250 2.24 -1.13 -3.29
C TRP A 250 1.91 -0.98 -4.79
N GLY A 251 2.11 -2.04 -5.57
CA GLY A 251 1.90 -2.02 -6.99
C GLY A 251 3.18 -1.78 -7.77
N ASN A 252 4.33 -1.75 -7.10
CA ASN A 252 5.62 -1.60 -7.77
C ASN A 252 6.11 -2.97 -8.32
N TYR A 253 7.07 -2.96 -9.25
CA TYR A 253 7.64 -4.24 -9.69
C TYR A 253 8.27 -5.04 -8.53
N LEU A 254 7.98 -6.32 -8.47
CA LEU A 254 8.58 -7.15 -7.48
C LEU A 254 10.05 -7.33 -7.90
N GLN A 255 10.95 -7.30 -6.91
CA GLN A 255 12.39 -7.33 -7.17
C GLN A 255 13.16 -8.45 -6.43
N TYR A 256 14.24 -8.87 -7.09
CA TYR A 256 15.23 -9.74 -6.51
C TYR A 256 16.04 -8.99 -5.43
N ASP A 257 16.53 -9.76 -4.45
CA ASP A 257 17.48 -9.29 -3.44
C ASP A 257 16.92 -8.08 -2.71
N LYS A 258 15.64 -8.09 -2.40
CA LYS A 258 15.00 -6.99 -1.69
C LYS A 258 14.08 -7.55 -0.57
N PRO A 259 14.28 -7.11 0.67
CA PRO A 259 13.49 -7.67 1.73
C PRO A 259 12.00 -7.34 1.66
N TYR A 260 11.16 -8.37 1.82
CA TYR A 260 9.72 -8.22 1.82
C TYR A 260 9.09 -8.82 3.08
N TYR A 261 8.16 -8.11 3.72
CA TYR A 261 7.25 -8.74 4.73
C TYR A 261 6.03 -9.39 4.05
N MET A 262 5.63 -10.56 4.53
CA MET A 262 4.65 -11.37 3.80
C MET A 262 3.28 -11.25 4.43
N LEU A 263 2.30 -11.01 3.56
CA LEU A 263 0.91 -11.05 3.94
C LEU A 263 0.23 -12.19 3.22
N ASN A 264 -0.34 -13.10 3.98
CA ASN A 264 -1.26 -14.12 3.45
C ASN A 264 -2.64 -13.50 3.26
N LEU A 265 -3.08 -13.45 2.01
CA LEU A 265 -4.31 -12.76 1.67
C LEU A 265 -5.53 -13.46 2.28
N PHE A 266 -5.51 -14.78 2.42
CA PHE A 266 -6.68 -15.47 2.98
C PHE A 266 -6.79 -15.22 4.49
N ASP A 267 -5.66 -15.17 5.20
CA ASP A 267 -5.64 -14.90 6.62
C ASP A 267 -4.71 -13.72 6.91
N PRO A 268 -5.24 -12.49 6.73
CA PRO A 268 -4.39 -11.32 6.84
C PRO A 268 -3.97 -10.95 8.26
N ASN A 269 -4.54 -11.62 9.26
CA ASN A 269 -4.28 -11.35 10.65
C ASN A 269 -3.14 -12.12 11.25
N LYS A 270 -2.26 -12.63 10.41
CA LYS A 270 -1.11 -13.33 10.86
C LYS A 270 0.09 -12.88 10.06
N TYR A 271 1.26 -13.25 10.55
CA TYR A 271 2.49 -12.96 9.82
C TYR A 271 3.35 -14.21 9.86
N VAL A 272 4.34 -14.28 8.98
CA VAL A 272 5.18 -15.49 8.93
C VAL A 272 6.21 -15.52 10.07
N ASP A 273 6.36 -16.69 10.66
CA ASP A 273 7.34 -16.95 11.70
C ASP A 273 8.02 -18.30 11.50
N VAL A 274 9.14 -18.52 12.18
CA VAL A 274 9.87 -19.79 12.13
C VAL A 274 10.11 -20.24 13.55
N ASN A 275 9.78 -21.48 13.89
CA ASN A 275 9.91 -21.86 15.26
C ASN A 275 11.37 -22.25 15.58
N ASN A 276 12.00 -23.03 14.70
CA ASN A 276 13.42 -23.38 14.77
C ASN A 276 14.01 -23.47 13.37
N ILE A 277 15.31 -23.23 13.28
CA ILE A 277 16.09 -23.40 12.04
C ILE A 277 16.20 -24.89 11.76
N GLY A 278 16.25 -25.28 10.49
CA GLY A 278 16.51 -26.65 10.14
C GLY A 278 15.29 -27.50 9.84
N ILE A 279 15.59 -28.68 9.34
CA ILE A 279 14.59 -29.56 8.73
C ILE A 279 13.64 -30.13 9.80
N ARG A 280 14.00 -30.02 11.07
CA ARG A 280 13.07 -30.39 12.13
C ARG A 280 12.29 -29.18 12.60
N GLY A 281 12.56 -28.00 12.08
CA GLY A 281 11.73 -26.83 12.39
C GLY A 281 10.71 -26.59 11.30
N TYR A 282 9.94 -25.51 11.43
CA TYR A 282 8.93 -25.21 10.41
C TYR A 282 8.57 -23.74 10.40
N MET A 283 8.07 -23.31 9.26
CA MET A 283 7.57 -21.98 9.10
C MET A 283 6.08 -22.08 9.39
N TYR A 284 5.49 -21.03 9.94
CA TYR A 284 4.07 -21.02 10.24
C TYR A 284 3.51 -19.59 10.29
N LEU A 285 2.19 -19.48 10.44
CA LEU A 285 1.47 -18.19 10.44
C LEU A 285 1.11 -17.92 11.88
N LYS A 286 1.65 -16.84 12.40
CA LYS A 286 1.50 -16.50 13.81
C LYS A 286 0.64 -15.23 13.90
N GLY A 287 -0.21 -15.15 14.91
CA GLY A 287 -1.03 -13.99 15.13
C GLY A 287 -1.18 -13.65 16.61
N PRO A 288 -1.83 -12.53 16.91
CA PRO A 288 -2.47 -11.63 15.92
C PRO A 288 -1.55 -10.56 15.35
N ARG A 289 -1.84 -10.11 14.14
CA ARG A 289 -1.15 -9.01 13.53
C ARG A 289 -1.55 -7.74 14.28
N GLY A 290 -0.61 -6.82 14.43
CA GLY A 290 -0.87 -5.56 15.09
C GLY A 290 -1.65 -4.51 14.30
N SER A 291 -1.59 -3.29 14.80
CA SER A 291 -2.28 -2.14 14.23
C SER A 291 -1.50 -0.86 14.44
N VAL A 292 -1.77 0.09 13.54
CA VAL A 292 -1.29 1.46 13.68
C VAL A 292 -2.55 2.32 13.70
N VAL A 293 -2.55 3.39 14.50
CA VAL A 293 -3.73 4.22 14.62
C VAL A 293 -3.45 5.70 14.88
N THR A 294 -4.26 6.54 14.22
CA THR A 294 -4.52 7.89 14.70
C THR A 294 -6.04 7.98 14.78
N THR A 295 -6.56 8.25 15.96
CA THR A 295 -7.99 8.38 16.17
C THR A 295 -8.69 9.20 15.05
N ASN A 296 -9.63 8.55 14.33
CA ASN A 296 -10.42 9.18 13.24
C ASN A 296 -9.66 9.59 12.01
N ILE A 297 -8.40 9.18 11.87
CA ILE A 297 -7.63 9.50 10.66
C ILE A 297 -7.25 8.22 9.99
N TYR A 298 -6.74 7.26 10.74
CA TYR A 298 -6.45 5.93 10.17
C TYR A 298 -6.41 4.90 11.26
N LEU A 299 -6.70 3.67 10.86
CA LEU A 299 -6.68 2.50 11.75
C LEU A 299 -6.51 1.26 10.85
N ASN A 300 -5.28 0.77 10.79
CA ASN A 300 -4.83 -0.24 9.82
C ASN A 300 -4.00 -1.28 10.53
N SER A 301 -3.90 -2.44 9.92
CA SER A 301 -3.06 -3.46 10.45
C SER A 301 -1.63 -3.00 10.18
N THR A 302 -0.74 -3.42 11.05
CA THR A 302 0.67 -3.27 10.81
C THR A 302 1.02 -4.23 9.71
N LEU A 303 1.92 -3.79 8.82
CA LEU A 303 2.39 -4.54 7.68
C LEU A 303 3.83 -5.07 7.76
N TYR A 304 4.66 -4.47 8.64
CA TYR A 304 6.06 -4.79 8.72
C TYR A 304 6.31 -5.84 9.84
N GLU A 305 5.67 -6.99 9.66
CA GLU A 305 5.76 -8.09 10.63
C GLU A 305 6.15 -9.42 9.99
N GLY A 306 6.89 -10.23 10.75
CA GLY A 306 7.29 -11.58 10.37
C GLY A 306 8.68 -11.71 9.82
N THR A 307 9.06 -12.93 9.51
CA THR A 307 10.38 -13.19 9.00
C THR A 307 10.38 -12.77 7.53
N LYS A 308 11.16 -11.78 7.19
CA LYS A 308 11.21 -11.34 5.80
C LYS A 308 11.65 -12.41 4.79
N PHE A 309 11.16 -12.24 3.58
CA PHE A 309 11.49 -13.09 2.44
C PHE A 309 12.32 -12.27 1.47
N ILE A 310 13.31 -12.92 0.88
CA ILE A 310 14.16 -12.30 -0.11
C ILE A 310 14.21 -13.25 -1.29
N ILE A 311 13.81 -12.78 -2.45
CA ILE A 311 13.72 -13.59 -3.62
C ILE A 311 15.10 -13.54 -4.26
N LYS A 312 15.71 -14.72 -4.49
CA LYS A 312 17.06 -14.87 -5.07
C LYS A 312 16.96 -15.39 -6.49
N LYS A 313 17.73 -14.78 -7.37
CA LYS A 313 17.67 -15.15 -8.76
C LYS A 313 18.30 -16.54 -8.95
N TYR A 314 17.66 -17.39 -9.73
CA TYR A 314 18.22 -18.72 -9.93
C TYR A 314 18.36 -19.03 -11.39
N ALA A 315 17.23 -19.17 -12.10
CA ALA A 315 17.27 -19.61 -13.48
C ALA A 315 17.00 -18.49 -14.45
N SER A 316 16.43 -17.36 -14.03
CA SER A 316 16.23 -16.29 -14.97
C SER A 316 17.57 -15.88 -15.63
N GLY A 317 17.53 -15.73 -16.95
CA GLY A 317 18.65 -15.14 -17.70
C GLY A 317 18.46 -13.63 -17.90
N ASN A 318 17.40 -13.04 -17.32
CA ASN A 318 17.20 -11.58 -17.38
C ASN A 318 18.21 -10.87 -16.52
N GLU A 319 18.93 -9.96 -17.11
CA GLU A 319 19.93 -9.22 -16.41
C GLU A 319 19.38 -8.17 -15.43
N ASP A 320 18.14 -7.67 -15.58
CA ASP A 320 17.62 -6.71 -14.61
C ASP A 320 17.20 -7.39 -13.33
N ASN A 321 16.68 -6.64 -12.37
CA ASN A 321 16.38 -7.17 -11.02
C ASN A 321 14.87 -7.40 -10.73
N ILE A 322 14.08 -7.49 -11.79
CA ILE A 322 12.64 -7.59 -11.68
C ILE A 322 12.21 -9.05 -11.79
N VAL A 323 11.24 -9.41 -11.00
CA VAL A 323 10.74 -10.77 -10.96
C VAL A 323 9.55 -10.96 -11.92
N ARG A 324 9.70 -11.88 -12.88
CA ARG A 324 8.73 -12.17 -13.90
C ARG A 324 7.98 -13.47 -13.70
N ASN A 325 6.84 -13.55 -14.39
CA ASN A 325 5.94 -14.70 -14.32
C ASN A 325 6.75 -15.84 -14.80
N ASN A 326 6.70 -16.95 -14.05
CA ASN A 326 7.41 -18.18 -14.41
C ASN A 326 8.91 -18.14 -14.14
N ASP A 327 9.43 -17.07 -13.54
CA ASP A 327 10.80 -17.11 -13.09
C ASP A 327 10.96 -18.22 -12.05
N ARG A 328 12.05 -18.96 -12.17
CA ARG A 328 12.44 -19.94 -11.21
C ARG A 328 13.44 -19.34 -10.30
N VAL A 329 13.11 -19.33 -9.01
CA VAL A 329 13.88 -18.66 -7.98
C VAL A 329 14.18 -19.56 -6.77
N TYR A 330 15.02 -19.06 -5.86
CA TYR A 330 15.06 -19.50 -4.45
C TYR A 330 14.48 -18.42 -3.56
N ILE A 331 13.98 -18.83 -2.38
CA ILE A 331 13.53 -17.89 -1.37
C ILE A 331 14.44 -17.97 -0.14
N ASN A 332 15.09 -16.85 0.18
CA ASN A 332 15.77 -16.68 1.45
C ASN A 332 14.77 -16.12 2.51
N VAL A 333 14.87 -16.66 3.72
CA VAL A 333 14.05 -16.25 4.85
C VAL A 333 14.98 -15.63 5.87
N VAL A 334 14.65 -14.43 6.35
CA VAL A 334 15.47 -13.79 7.39
C VAL A 334 14.97 -14.11 8.79
N VAL A 335 15.86 -14.75 9.55
CA VAL A 335 15.57 -15.09 10.93
C VAL A 335 16.70 -14.56 11.78
N LYS A 336 16.31 -13.71 12.74
CA LYS A 336 17.18 -12.85 13.51
C LYS A 336 18.36 -12.35 12.73
N ASN A 337 18.07 -11.70 11.62
CA ASN A 337 19.09 -10.96 10.91
C ASN A 337 20.06 -11.84 10.11
N LYS A 338 19.74 -13.13 9.96
CA LYS A 338 20.56 -14.11 9.23
C LYS A 338 19.69 -14.78 8.13
N GLU A 339 20.26 -15.12 7.00
CA GLU A 339 19.50 -15.68 5.90
C GLU A 339 19.59 -17.19 5.85
N TYR A 340 18.41 -17.80 5.73
CA TYR A 340 18.23 -19.22 5.56
C TYR A 340 17.40 -19.45 4.29
N ARG A 341 17.27 -20.71 3.91
CA ARG A 341 16.71 -21.11 2.66
C ARG A 341 15.39 -21.80 2.94
N LEU A 342 14.37 -21.38 2.22
CA LEU A 342 13.03 -22.02 2.29
C LEU A 342 13.13 -23.33 1.52
N ALA A 343 12.83 -24.46 2.17
CA ALA A 343 12.94 -25.78 1.51
C ALA A 343 12.06 -26.82 2.17
N THR A 344 11.86 -27.92 1.49
CA THR A 344 11.15 -29.04 2.07
C THR A 344 11.72 -30.35 1.55
N ASN A 345 11.43 -31.41 2.29
CA ASN A 345 11.61 -32.75 1.80
C ASN A 345 10.30 -33.23 1.21
N ALA A 346 10.23 -33.24 -0.10
CA ALA A 346 9.04 -33.71 -0.80
C ALA A 346 8.68 -35.17 -0.53
N SER A 347 9.62 -35.99 -0.03
CA SER A 347 9.36 -37.37 0.40
C SER A 347 8.55 -37.52 1.66
N GLN A 348 8.51 -36.47 2.51
CA GLN A 348 7.60 -36.53 3.67
C GLN A 348 6.20 -36.98 3.19
N ALA A 349 5.48 -37.65 4.08
CA ALA A 349 4.24 -38.33 3.71
C ALA A 349 3.09 -37.33 3.71
N GLY A 350 2.31 -37.33 2.62
CA GLY A 350 1.13 -36.50 2.53
C GLY A 350 1.30 -35.50 1.43
N VAL A 351 0.20 -35.04 0.89
CA VAL A 351 0.22 -34.06 -0.18
C VAL A 351 0.80 -32.72 0.30
N GLU A 352 0.42 -32.32 1.52
CA GLU A 352 0.89 -31.06 2.06
C GLU A 352 2.34 -31.26 2.56
N LYS A 353 3.31 -30.52 2.02
CA LYS A 353 4.68 -30.63 2.45
C LYS A 353 5.07 -29.44 3.33
N ILE A 354 5.32 -29.69 4.60
CA ILE A 354 5.65 -28.63 5.53
C ILE A 354 6.99 -28.00 5.17
N LEU A 355 7.04 -26.67 5.19
CA LEU A 355 8.23 -25.93 4.80
C LEU A 355 9.09 -25.60 6.02
N SER A 356 10.41 -25.66 5.81
CA SER A 356 11.41 -25.36 6.80
C SER A 356 12.36 -24.25 6.30
N ALA A 357 13.12 -23.70 7.25
CA ALA A 357 14.15 -22.70 6.99
C ALA A 357 15.48 -23.38 7.31
N LEU A 358 16.30 -23.57 6.29
CA LEU A 358 17.51 -24.34 6.41
C LEU A 358 18.73 -23.49 6.24
N GLU A 359 19.84 -23.97 6.84
CA GLU A 359 21.12 -23.31 6.66
C GLU A 359 21.41 -23.40 5.19
N ILE A 360 21.79 -22.30 4.58
CA ILE A 360 21.93 -22.34 3.13
C ILE A 360 22.86 -23.45 2.67
N PRO A 361 23.97 -23.72 3.38
CA PRO A 361 24.84 -24.84 2.91
C PRO A 361 24.36 -26.28 3.20
N ASP A 362 23.40 -26.43 4.10
CA ASP A 362 22.77 -27.71 4.42
C ASP A 362 21.58 -28.10 3.52
N VAL A 363 21.22 -27.31 2.51
CA VAL A 363 20.00 -27.60 1.72
C VAL A 363 20.10 -28.94 0.93
N GLY A 364 21.30 -29.29 0.48
CA GLY A 364 21.49 -30.56 -0.20
C GLY A 364 20.55 -30.66 -1.38
N ASN A 365 19.93 -31.82 -1.52
CA ASN A 365 18.97 -32.04 -2.57
C ASN A 365 17.53 -31.80 -2.14
N LEU A 366 17.29 -31.09 -1.04
CA LEU A 366 15.91 -30.75 -0.69
C LEU A 366 15.26 -29.85 -1.74
N SER A 367 13.94 -29.93 -1.85
CA SER A 367 13.27 -29.12 -2.86
C SER A 367 13.18 -27.64 -2.42
N GLN A 368 13.68 -26.78 -3.30
CA GLN A 368 13.74 -25.36 -3.06
C GLN A 368 13.47 -24.44 -4.24
N VAL A 369 13.34 -24.97 -5.44
CA VAL A 369 13.14 -24.11 -6.59
C VAL A 369 11.67 -23.71 -6.57
N VAL A 370 11.41 -22.41 -6.69
CA VAL A 370 10.05 -21.85 -6.68
C VAL A 370 9.76 -21.16 -8.00
N VAL A 371 8.60 -21.47 -8.58
CA VAL A 371 8.12 -20.81 -9.78
C VAL A 371 7.17 -19.69 -9.31
N MET A 372 7.55 -18.46 -9.65
CA MET A 372 6.82 -17.26 -9.27
C MET A 372 5.74 -17.05 -10.30
N LYS A 373 4.54 -16.76 -9.82
CA LYS A 373 3.35 -16.60 -10.68
C LYS A 373 2.63 -15.26 -10.45
N SER A 374 2.44 -14.55 -11.54
CA SER A 374 1.65 -13.31 -11.56
C SER A 374 0.34 -13.47 -12.29
N LYS A 375 0.16 -14.57 -13.01
CA LYS A 375 -1.05 -14.85 -13.76
C LYS A 375 -1.32 -16.36 -13.83
N ASP A 376 -2.60 -16.69 -13.98
CA ASP A 376 -3.05 -18.09 -14.10
C ASP A 376 -2.73 -18.67 -15.49
N ASP A 377 -3.23 -19.89 -15.71
CA ASP A 377 -2.98 -20.70 -16.92
C ASP A 377 -3.60 -20.05 -18.18
N GLN A 378 -4.77 -19.44 -18.04
CA GLN A 378 -5.41 -18.70 -19.12
C GLN A 378 -4.94 -17.22 -19.24
N GLY A 379 -3.82 -16.87 -18.59
CA GLY A 379 -3.21 -15.54 -18.73
C GLY A 379 -3.89 -14.41 -17.99
N ILE A 380 -4.77 -14.75 -17.04
CA ILE A 380 -5.51 -13.75 -16.23
C ILE A 380 -4.63 -13.32 -15.04
N ARG A 381 -4.40 -12.00 -14.97
CA ARG A 381 -3.66 -11.38 -13.89
C ARG A 381 -4.31 -11.75 -12.56
N ASN A 382 -3.48 -11.99 -11.56
CA ASN A 382 -3.93 -12.30 -10.22
C ASN A 382 -2.81 -12.14 -9.21
N LYS A 383 -3.17 -12.24 -7.94
CA LYS A 383 -2.26 -12.05 -6.82
C LYS A 383 -1.11 -13.07 -6.85
N CYS A 384 0.08 -12.66 -6.36
CA CYS A 384 1.28 -13.53 -6.35
C CYS A 384 1.09 -14.94 -5.73
N LYS A 385 1.65 -15.90 -6.43
CA LYS A 385 1.70 -17.28 -5.96
C LYS A 385 3.13 -17.78 -6.16
N MET A 386 3.47 -18.78 -5.36
CA MET A 386 4.76 -19.40 -5.40
C MET A 386 4.58 -20.95 -5.52
N ASN A 387 4.97 -21.50 -6.66
CA ASN A 387 4.83 -22.95 -6.94
C ASN A 387 6.18 -23.64 -6.72
N LEU A 388 6.28 -24.36 -5.62
CA LEU A 388 7.46 -25.07 -5.25
C LEU A 388 7.59 -26.33 -6.13
N GLN A 389 8.79 -26.50 -6.69
CA GLN A 389 9.15 -27.66 -7.54
C GLN A 389 10.35 -28.45 -6.99
N ASP A 390 10.39 -29.76 -7.29
CA ASP A 390 11.59 -30.53 -7.03
C ASP A 390 12.63 -30.35 -8.13
N ASN A 391 13.77 -31.06 -8.03
CA ASN A 391 14.89 -30.79 -8.94
C ASN A 391 14.75 -31.59 -10.25
N ASN A 392 13.62 -32.29 -10.43
CA ASN A 392 13.22 -32.84 -11.74
C ASN A 392 12.18 -32.05 -12.48
N GLY A 393 11.76 -30.91 -11.91
CA GLY A 393 10.75 -30.11 -12.53
C GLY A 393 9.33 -30.52 -12.22
N ASN A 394 9.11 -31.51 -11.36
CA ASN A 394 7.78 -31.85 -10.89
C ASN A 394 7.28 -30.83 -9.87
N ASP A 395 6.03 -30.43 -10.00
CA ASP A 395 5.43 -29.52 -9.05
C ASP A 395 5.26 -30.21 -7.74
N ILE A 396 5.74 -29.62 -6.65
CA ILE A 396 5.39 -30.05 -5.32
C ILE A 396 4.16 -29.29 -4.78
N GLY A 397 3.97 -28.06 -5.22
CA GLY A 397 2.74 -27.30 -4.89
C GLY A 397 2.91 -25.82 -4.64
N PHE A 398 1.82 -25.08 -4.86
CA PHE A 398 1.74 -23.72 -4.38
C PHE A 398 1.92 -23.68 -2.85
N ILE A 399 2.58 -22.63 -2.40
CA ILE A 399 2.83 -22.38 -1.01
C ILE A 399 1.58 -21.68 -0.44
N GLY A 400 0.99 -22.35 0.55
CA GLY A 400 -0.05 -21.78 1.37
C GLY A 400 0.18 -22.30 2.79
N PHE A 401 -0.89 -22.71 3.48
CA PHE A 401 -0.78 -23.22 4.83
C PHE A 401 -1.78 -24.33 5.12
N HIS A 402 -1.55 -25.04 6.23
CA HIS A 402 -2.39 -26.11 6.74
C HIS A 402 -2.30 -26.18 8.28
N LEU A 403 -3.39 -26.54 8.95
N LEU A 403 -3.40 -26.55 8.94
CA LEU A 403 -3.47 -26.59 10.40
CA LEU A 403 -3.49 -26.64 10.38
C LEU A 403 -3.09 -27.96 10.92
C LEU A 403 -3.02 -27.99 10.85
N TYR A 404 -2.10 -27.99 11.81
CA TYR A 404 -1.62 -29.21 12.45
C TYR A 404 -1.78 -28.87 13.91
N ASP A 405 -2.78 -29.43 14.58
CA ASP A 405 -2.99 -29.14 15.98
C ASP A 405 -3.12 -27.65 16.26
N ASN A 406 -4.01 -26.97 15.54
CA ASN A 406 -4.16 -25.56 15.75
C ASN A 406 -2.97 -24.68 15.31
N ILE A 407 -1.90 -25.24 14.73
CA ILE A 407 -0.80 -24.39 14.22
C ILE A 407 -0.88 -24.36 12.73
N ALA A 408 -0.83 -23.17 12.17
CA ALA A 408 -0.98 -22.97 10.77
C ALA A 408 0.41 -23.00 10.10
N LYS A 409 0.89 -24.20 9.79
CA LYS A 409 2.21 -24.34 9.17
C LYS A 409 2.15 -24.01 7.69
N LEU A 410 3.22 -23.38 7.19
CA LEU A 410 3.36 -23.16 5.74
C LEU A 410 3.64 -24.52 5.10
N VAL A 411 2.97 -24.76 3.98
CA VAL A 411 3.09 -25.98 3.21
C VAL A 411 3.15 -25.66 1.71
N ALA A 412 3.79 -26.55 0.97
CA ALA A 412 3.56 -26.65 -0.46
C ALA A 412 2.60 -27.81 -0.63
N SER A 413 1.51 -27.59 -1.36
CA SER A 413 0.51 -28.60 -1.59
C SER A 413 -0.03 -28.59 -3.00
N ASN A 414 0.07 -29.72 -3.66
CA ASN A 414 -0.47 -29.88 -5.01
C ASN A 414 -2.00 -29.82 -5.13
N TRP A 415 -2.72 -29.99 -4.02
CA TRP A 415 -4.18 -29.75 -4.04
C TRP A 415 -4.48 -28.33 -4.56
N TYR A 416 -3.66 -27.37 -4.12
CA TYR A 416 -3.79 -26.01 -4.60
C TYR A 416 -3.68 -25.95 -6.14
N ASN A 417 -2.62 -26.56 -6.65
CA ASN A 417 -2.38 -26.60 -8.11
C ASN A 417 -3.57 -27.25 -8.85
N ARG A 418 -4.15 -28.28 -8.26
CA ARG A 418 -5.30 -28.97 -8.89
C ARG A 418 -6.54 -28.07 -8.87
N GLN A 419 -6.71 -27.32 -7.78
CA GLN A 419 -7.77 -26.34 -7.71
C GLN A 419 -7.55 -25.27 -8.78
N VAL A 420 -6.31 -24.75 -8.89
CA VAL A 420 -5.97 -23.73 -9.90
C VAL A 420 -6.29 -24.26 -11.32
N GLY A 421 -5.72 -25.43 -11.65
CA GLY A 421 -6.03 -26.16 -12.90
C GLY A 421 -7.51 -26.38 -13.26
N LYS A 422 -8.38 -26.51 -12.25
CA LYS A 422 -9.85 -26.56 -12.42
C LYS A 422 -10.59 -25.20 -12.41
N ALA A 423 -9.88 -24.06 -12.29
CA ALA A 423 -10.48 -22.71 -12.04
C ALA A 423 -11.19 -22.51 -10.66
N SER A 424 -11.17 -23.54 -9.78
CA SER A 424 -11.77 -23.47 -8.43
C SER A 424 -11.14 -22.36 -7.57
N ARG A 425 -11.84 -21.95 -6.51
CA ARG A 425 -11.30 -20.99 -5.55
C ARG A 425 -10.18 -21.68 -4.70
N THR A 426 -9.08 -20.94 -4.46
CA THR A 426 -8.08 -21.37 -3.50
C THR A 426 -8.05 -20.44 -2.27
N PHE A 427 -7.49 -20.96 -1.20
CA PHE A 427 -7.59 -20.31 0.04
C PHE A 427 -6.27 -20.48 0.72
N GLY A 428 -5.53 -19.41 0.70
CA GLY A 428 -4.31 -19.36 1.45
C GLY A 428 -3.06 -19.46 0.66
N CYS A 429 -3.13 -19.59 -0.68
CA CYS A 429 -1.90 -19.67 -1.49
C CYS A 429 -1.64 -18.38 -2.31
N SER A 430 -2.30 -17.27 -1.92
CA SER A 430 -2.12 -16.00 -2.55
C SER A 430 -1.46 -15.04 -1.61
N TRP A 431 -0.40 -14.40 -2.05
CA TRP A 431 0.42 -13.66 -1.14
C TRP A 431 0.68 -12.24 -1.63
N GLU A 432 0.92 -11.34 -0.69
CA GLU A 432 1.52 -10.05 -1.00
C GLU A 432 2.88 -9.94 -0.34
N PHE A 433 3.76 -9.26 -1.08
CA PHE A 433 5.13 -9.00 -0.72
C PHE A 433 5.22 -7.52 -0.39
N ILE A 434 5.54 -7.21 0.88
CA ILE A 434 5.53 -5.83 1.36
C ILE A 434 6.89 -5.32 1.78
N PRO A 435 7.51 -4.47 0.96
CA PRO A 435 8.70 -3.77 1.38
C PRO A 435 8.35 -2.50 2.16
N VAL A 436 9.29 -2.02 2.96
CA VAL A 436 9.14 -0.76 3.67
C VAL A 436 9.02 0.35 2.65
N ASP A 437 8.04 1.24 2.81
CA ASP A 437 7.80 2.33 1.86
C ASP A 437 7.49 3.62 2.64
N ASP A 438 8.06 4.75 2.22
N ASP A 438 8.07 4.74 2.24
CA ASP A 438 7.92 6.00 2.99
CA ASP A 438 7.89 5.97 3.03
C ASP A 438 6.53 6.65 2.87
C ASP A 438 6.44 6.46 3.05
N GLY A 439 5.64 6.10 2.03
CA GLY A 439 4.26 6.57 1.94
C GLY A 439 3.34 5.85 2.90
N TRP A 440 3.87 4.87 3.64
CA TRP A 440 3.05 4.06 4.54
C TRP A 440 3.27 4.50 5.99
N GLY A 441 4.53 4.73 6.34
CA GLY A 441 4.86 5.47 7.56
C GLY A 441 5.00 4.69 8.85
N GLU A 442 4.61 3.44 8.90
CA GLU A 442 4.91 2.53 10.04
C GLU A 442 6.40 2.44 10.35
N SER A 443 6.80 2.24 11.62
CA SER A 443 8.23 1.88 11.92
C SER A 443 8.59 0.41 11.69
N SER A 444 9.80 0.17 11.24
CA SER A 444 10.31 -1.20 11.13
C SER A 444 11.43 -1.39 12.14
N MET B 23 -0.70 24.98 36.32
CA MET B 23 -1.90 24.36 35.65
C MET B 23 -1.58 23.47 34.43
N GLU B 24 -0.32 23.43 33.98
CA GLU B 24 0.17 22.31 33.14
C GLU B 24 0.03 20.99 33.89
N ARG B 25 0.07 19.89 33.17
CA ARG B 25 0.21 18.58 33.81
C ARG B 25 1.59 18.45 34.46
N ASP B 26 1.63 17.75 35.59
CA ASP B 26 2.89 17.34 36.23
C ASP B 26 3.59 16.36 35.27
N LYS B 27 4.86 16.63 35.00
CA LYS B 27 5.66 15.83 34.08
C LYS B 27 6.53 14.79 34.76
N TYR B 28 6.60 13.61 34.16
CA TYR B 28 7.60 12.61 34.53
C TYR B 28 8.17 12.23 33.15
N ALA B 29 9.48 12.37 32.96
CA ALA B 29 10.12 12.08 31.70
C ALA B 29 11.46 11.30 31.80
N ASN B 30 11.77 10.66 30.68
CA ASN B 30 13.02 9.96 30.46
C ASN B 30 13.31 8.88 31.53
N PHE B 31 12.27 8.12 31.83
CA PHE B 31 12.30 7.09 32.88
C PHE B 31 12.10 5.70 32.30
N THR B 32 12.50 4.72 33.09
CA THR B 32 12.15 3.34 32.87
C THR B 32 11.52 2.81 34.14
N ILE B 33 10.29 2.30 34.02
CA ILE B 33 9.54 1.64 35.10
C ILE B 33 9.57 0.13 34.76
N ASN B 34 9.97 -0.70 35.70
CA ASN B 34 9.95 -2.14 35.49
C ASN B 34 9.45 -2.92 36.71
N PHE B 35 8.50 -2.35 37.43
CA PHE B 35 8.05 -2.89 38.69
C PHE B 35 6.55 -3.06 38.67
N THR B 36 6.04 -3.73 39.69
CA THR B 36 4.64 -3.99 39.83
C THR B 36 3.99 -2.72 40.33
N MET B 37 3.08 -2.18 39.55
CA MET B 37 2.37 -0.99 39.95
C MET B 37 0.94 -1.37 40.28
N GLU B 38 0.52 -1.08 41.51
CA GLU B 38 -0.83 -1.49 41.91
C GLU B 38 -1.55 -0.54 42.86
N ASN B 39 -2.89 -0.66 42.85
CA ASN B 39 -3.79 0.07 43.75
C ASN B 39 -3.57 1.59 43.76
N GLN B 40 -3.66 2.22 42.60
CA GLN B 40 -3.33 3.62 42.55
C GLN B 40 -3.96 4.27 41.37
N ILE B 41 -4.22 5.57 41.50
CA ILE B 41 -4.81 6.39 40.45
C ILE B 41 -3.85 7.50 40.13
N HIS B 42 -3.52 7.71 38.87
CA HIS B 42 -2.69 8.86 38.47
C HIS B 42 -3.53 9.84 37.62
N THR B 43 -3.57 11.12 38.00
CA THR B 43 -4.41 12.10 37.31
C THR B 43 -3.64 13.32 36.87
N GLY B 44 -3.94 13.84 35.69
CA GLY B 44 -3.28 15.06 35.25
C GLY B 44 -1.79 14.95 35.12
N MET B 45 -1.29 13.79 34.73
CA MET B 45 0.14 13.53 34.49
C MET B 45 0.54 13.62 33.00
N GLU B 46 1.77 14.08 32.76
CA GLU B 46 2.31 13.96 31.44
C GLU B 46 3.57 13.12 31.53
N TYR B 47 3.57 12.01 30.81
CA TYR B 47 4.66 11.08 30.72
C TYR B 47 5.31 11.20 29.34
N ASP B 48 6.59 11.57 29.33
CA ASP B 48 7.30 11.86 28.09
C ASP B 48 8.51 10.96 27.99
N ASN B 49 8.67 10.26 26.85
CA ASN B 49 9.80 9.38 26.61
C ASN B 49 9.97 8.38 27.79
N GLY B 50 8.85 7.86 28.28
CA GLY B 50 8.80 6.87 29.35
C GLY B 50 8.72 5.45 28.81
N ARG B 51 9.43 4.54 29.48
CA ARG B 51 9.47 3.14 29.12
C ARG B 51 8.88 2.35 30.27
N PHE B 52 7.84 1.59 29.95
CA PHE B 52 7.20 0.69 30.90
C PHE B 52 7.48 -0.74 30.40
N ILE B 53 8.45 -1.42 31.00
CA ILE B 53 9.03 -2.62 30.43
C ILE B 53 8.96 -3.67 31.55
N GLY B 54 8.22 -4.74 31.31
CA GLY B 54 8.12 -5.84 32.27
C GLY B 54 7.20 -5.49 33.43
N VAL B 55 6.23 -4.64 33.19
CA VAL B 55 5.38 -4.15 34.29
C VAL B 55 4.10 -4.99 34.40
N LYS B 56 3.68 -5.28 35.65
CA LYS B 56 2.32 -5.74 35.94
C LYS B 56 1.58 -4.57 36.56
N PHE B 57 0.48 -4.19 35.95
CA PHE B 57 -0.46 -3.24 36.50
C PHE B 57 -1.59 -4.02 37.18
N LYS B 58 -1.97 -3.66 38.39
CA LYS B 58 -3.17 -4.24 39.03
C LYS B 58 -3.93 -3.15 39.72
N SER B 59 -5.18 -2.96 39.32
CA SER B 59 -6.06 -1.94 39.90
C SER B 59 -5.43 -0.56 39.82
N VAL B 60 -5.02 -0.18 38.61
CA VAL B 60 -4.39 1.12 38.31
C VAL B 60 -5.26 1.83 37.27
N THR B 61 -5.47 3.13 37.48
CA THR B 61 -6.14 4.03 36.51
C THR B 61 -5.33 5.27 36.27
N PHE B 62 -5.04 5.56 35.00
CA PHE B 62 -4.48 6.82 34.58
C PHE B 62 -5.65 7.65 34.04
N LYS B 63 -5.83 8.85 34.57
CA LYS B 63 -6.92 9.75 34.18
C LYS B 63 -6.34 11.04 33.69
N ASP B 64 -6.99 11.61 32.68
CA ASP B 64 -6.65 12.91 32.16
C ASP B 64 -5.15 13.06 32.02
N SER B 65 -4.49 12.05 31.47
CA SER B 65 -3.04 12.06 31.34
C SER B 65 -2.62 11.93 29.89
N VAL B 66 -1.40 12.41 29.62
CA VAL B 66 -0.81 12.43 28.30
C VAL B 66 0.47 11.59 28.28
N PHE B 67 0.59 10.75 27.25
CA PHE B 67 1.74 9.88 27.07
C PHE B 67 2.35 10.28 25.72
N LYS B 68 3.52 10.90 25.73
CA LYS B 68 4.27 11.22 24.52
C LYS B 68 5.54 10.41 24.35
N SER B 69 5.66 9.77 23.18
CA SER B 69 6.81 8.93 22.84
C SER B 69 7.14 7.91 23.89
N CYS B 70 6.10 7.26 24.41
CA CYS B 70 6.29 6.24 25.43
C CYS B 70 6.28 4.86 24.78
N THR B 71 6.76 3.87 25.51
CA THR B 71 6.82 2.49 25.06
C THR B 71 6.37 1.64 26.22
N PHE B 72 5.36 0.80 25.98
CA PHE B 72 4.91 -0.22 26.91
C PHE B 72 5.32 -1.53 26.26
N GLU B 73 6.07 -2.34 26.99
CA GLU B 73 6.67 -3.54 26.46
C GLU B 73 6.63 -4.65 27.50
N ASP B 74 6.03 -5.76 27.13
CA ASP B 74 5.83 -6.89 28.01
C ASP B 74 5.10 -6.44 29.29
N VAL B 75 3.80 -6.17 29.14
CA VAL B 75 2.99 -5.64 30.21
C VAL B 75 1.74 -6.47 30.33
N THR B 76 1.39 -6.82 31.57
CA THR B 76 0.09 -7.36 31.90
C THR B 76 -0.65 -6.36 32.77
N SER B 77 -1.97 -6.42 32.72
CA SER B 77 -2.81 -5.44 33.40
C SER B 77 -4.09 -6.14 33.87
N VAL B 78 -4.43 -5.98 35.13
CA VAL B 78 -5.70 -6.48 35.66
C VAL B 78 -6.42 -5.26 36.22
N ASN B 79 -7.70 -5.11 35.87
CA ASN B 79 -8.55 -4.04 36.39
C ASN B 79 -7.86 -2.69 36.27
N THR B 80 -7.27 -2.47 35.08
CA THR B 80 -6.47 -1.31 34.80
C THR B 80 -7.03 -0.58 33.56
N TYR B 81 -7.12 0.75 33.66
CA TYR B 81 -7.70 1.56 32.62
C TYR B 81 -6.93 2.85 32.37
N PHE B 82 -7.02 3.34 31.14
CA PHE B 82 -6.66 4.71 30.77
C PHE B 82 -7.93 5.45 30.42
N LYS B 83 -8.32 6.45 31.22
CA LYS B 83 -9.55 7.26 31.00
C LYS B 83 -9.23 8.67 30.62
N ASN B 84 -9.80 9.16 29.54
N ASN B 84 -9.80 9.13 29.53
CA ASN B 84 -9.52 10.54 29.08
CA ASN B 84 -9.56 10.49 29.04
C ASN B 84 -8.05 10.80 28.97
C ASN B 84 -8.08 10.80 28.96
N CYS B 85 -7.33 9.87 28.37
CA CYS B 85 -5.90 10.02 28.13
C CYS B 85 -5.61 10.20 26.64
N THR B 86 -4.46 10.79 26.35
CA THR B 86 -4.01 10.99 24.99
C THR B 86 -2.67 10.33 24.85
N PHE B 87 -2.55 9.47 23.85
CA PHE B 87 -1.29 8.79 23.53
C PHE B 87 -0.77 9.34 22.18
N ILE B 88 0.50 9.78 22.16
CA ILE B 88 1.16 10.32 20.93
C ILE B 88 2.49 9.60 20.74
N ASP B 89 2.77 9.15 19.52
CA ASP B 89 4.03 8.46 19.15
C ASP B 89 4.36 7.31 20.13
N THR B 90 3.33 6.57 20.55
CA THR B 90 3.50 5.60 21.57
C THR B 90 3.28 4.19 21.04
N VAL B 91 4.12 3.30 21.55
CA VAL B 91 4.13 1.91 21.11
C VAL B 91 3.68 1.00 22.24
N PHE B 92 2.84 0.02 21.93
CA PHE B 92 2.39 -1.01 22.87
C PHE B 92 2.76 -2.38 22.31
N ASP B 93 3.85 -2.95 22.84
CA ASP B 93 4.49 -4.13 22.29
C ASP B 93 4.43 -5.23 23.31
N ASN B 94 3.83 -6.36 22.94
CA ASN B 94 3.75 -7.49 23.84
C ASN B 94 2.99 -7.09 25.14
N THR B 95 1.85 -6.40 24.96
CA THR B 95 0.94 -6.04 26.06
C THR B 95 -0.31 -6.82 25.91
N ASP B 96 -1.10 -6.80 26.99
CA ASP B 96 -2.44 -7.35 26.99
C ASP B 96 -3.50 -6.24 26.91
N PHE B 97 -3.08 -5.04 26.48
CA PHE B 97 -4.00 -3.91 26.38
C PHE B 97 -5.09 -4.04 25.27
N GLU B 98 -6.28 -4.53 25.58
CA GLU B 98 -7.38 -4.59 24.62
C GLU B 98 -8.08 -3.22 24.54
N PRO B 99 -8.95 -3.01 23.51
CA PRO B 99 -9.67 -1.74 23.38
C PRO B 99 -10.48 -1.29 24.64
N TYR B 100 -11.04 -2.22 25.39
CA TYR B 100 -11.81 -1.85 26.58
C TYR B 100 -11.00 -1.20 27.72
N LYS B 101 -9.69 -1.35 27.70
CA LYS B 101 -8.81 -0.68 28.66
C LYS B 101 -8.62 0.82 28.42
N PHE B 102 -8.88 1.30 27.21
CA PHE B 102 -8.89 2.71 26.85
C PHE B 102 -10.36 3.26 26.84
N ILE B 103 -10.66 4.15 27.78
CA ILE B 103 -12.01 4.74 27.89
C ILE B 103 -11.86 6.21 27.55
N ASP B 104 -12.63 6.69 26.58
CA ASP B 104 -12.68 8.10 26.15
C ASP B 104 -11.31 8.67 25.90
N SER B 105 -10.45 7.87 25.26
CA SER B 105 -9.03 8.26 25.10
C SER B 105 -8.73 8.50 23.64
N GLU B 106 -7.53 8.96 23.29
CA GLU B 106 -7.23 9.12 21.88
C GLU B 106 -5.79 8.85 21.56
N PHE B 107 -5.55 8.52 20.30
CA PHE B 107 -4.21 8.12 19.83
C PHE B 107 -3.76 8.96 18.65
N LYS B 108 -2.51 9.32 18.64
CA LYS B 108 -1.93 10.00 17.51
C LYS B 108 -0.63 9.24 17.18
N ASN B 109 -0.64 8.57 16.03
N ASN B 109 -0.59 8.60 16.01
CA ASN B 109 0.51 7.88 15.48
CA ASN B 109 0.61 7.88 15.53
C ASN B 109 1.07 6.84 16.50
C ASN B 109 1.10 6.81 16.52
N CYS B 110 0.17 6.02 17.04
CA CYS B 110 0.52 4.92 17.99
C CYS B 110 0.49 3.55 17.28
N SER B 111 1.01 2.52 17.95
CA SER B 111 1.02 1.19 17.34
C SER B 111 0.92 0.13 18.42
N PHE B 112 0.18 -0.91 18.12
CA PHE B 112 0.09 -2.09 18.97
C PHE B 112 0.72 -3.21 18.19
N PHE B 113 1.44 -4.07 18.87
CA PHE B 113 1.85 -5.33 18.24
C PHE B 113 2.34 -6.36 19.26
N HIS B 114 2.43 -7.60 18.77
CA HIS B 114 2.75 -8.78 19.54
C HIS B 114 1.83 -8.92 20.74
N ASN B 115 0.54 -8.66 20.58
CA ASN B 115 -0.35 -8.73 21.74
C ASN B 115 -0.32 -10.11 22.36
N LYS B 116 -0.43 -10.12 23.69
CA LYS B 116 -0.47 -11.34 24.50
C LYS B 116 -1.75 -12.16 24.28
N THR B 117 -1.63 -13.43 24.69
CA THR B 117 -2.54 -14.57 24.44
C THR B 117 -2.12 -15.07 23.06
#